data_9J3L
#
_entry.id   9J3L
#
_cell.length_a   1.00
_cell.length_b   1.00
_cell.length_c   1.00
_cell.angle_alpha   90.00
_cell.angle_beta   90.00
_cell.angle_gamma   90.00
#
_symmetry.space_group_name_H-M   'P 1'
#
loop_
_entity.id
_entity.type
_entity.pdbx_description
1 polymer 'ADP,ATP carrier protein 1, chloroplastic'
2 polymer 'nanobody: B-D7'
3 non-polymer "ADENOSINE-5'-TRIPHOSPHATE"
#
loop_
_entity_poly.entity_id
_entity_poly.type
_entity_poly.pdbx_seq_one_letter_code
_entity_poly.pdbx_strand_id
1 'polypeptide(L)'
;MAGAVFGEGDSAAVVASPKIFGVEVATLKKIIPLGLMFFCILFNYTILRDTKDVLVVTAKGSSAEIIPFLKTWVNLPMAI
GFMLLYTKLSNVLSKKALFYTVIVPFIIYFGAFGFVMYPLSNYIHPEALADKLLTTLGPRFMGPIAILRIWSFCLFYVMA
ELWGSVVVSVLFWGFANQITTVDEAKKFYPLFGLGANVALIFSGRTVKYFSNLRKNLGPGVDGWAVSLKAMMSIVVGMGL
AICLLYWWVNRYVPLPTRSKNKKEKPKMGTMESLKFLVSSPYIRDLATLVVAYGISINLVEVTWKSKLKAQFPSPNEYSA
FMGDFSTCTGVATFTMMLLSQYVFNKYGWGVAAKITPTVLLLTGVAFFSLILFGGPFAPLVAKLGMTPLLAAVYVGALQN
IFSKSAKYSLFDPCKEMAYIPLDEDTKVKGKAAIDVVCNPLGKSGGALIQQFMILSFGSLANSTPYLGMILLVIVTAWLA
AAKSLEGQFNSLRSEEELEKEMERASSVKIPVVSQDESGNGSLGESPSSSPEKSAPTNLVDELTSRGRGSGGLNDIFEAQ
KIEWHEGSGLEVLFQGPDYKDDDDKWSHPQFEKGGGGSGGSAWSHPQFEK
;
A
2 'polypeptide(L)'
;EVQLVESGGGLVQAGGSLRLSCAASGFPVDEAYMTWYRQAPGKEREWVAAIYSSGYTRYADSVKGRFTISRDNSKNTVYL
QMNSLKPEDTAVYYCNVKDYVYNTYLYDYWGQGTQVTVSS
;
C
#
# COMPACT_ATOMS: atom_id res chain seq x y z
N ALA A 16 34.13 -13.35 36.91
CA ALA A 16 32.68 -13.49 37.08
C ALA A 16 31.94 -12.38 36.34
N SER A 17 31.19 -12.76 35.31
CA SER A 17 30.47 -11.78 34.52
C SER A 17 29.26 -11.27 35.31
N PRO A 18 29.03 -9.97 35.37
CA PRO A 18 27.84 -9.45 36.04
C PRO A 18 26.58 -9.73 35.25
N LYS A 19 25.45 -9.64 35.95
CA LYS A 19 24.14 -9.90 35.34
C LYS A 19 23.11 -8.94 35.89
N ILE A 20 22.19 -8.50 35.04
CA ILE A 20 21.05 -7.68 35.42
C ILE A 20 19.80 -8.30 34.81
N PHE A 21 18.75 -8.44 35.63
CA PHE A 21 17.48 -9.02 35.19
C PHE A 21 17.65 -10.45 34.68
N GLY A 22 18.60 -11.18 35.26
CA GLY A 22 18.87 -12.54 34.84
C GLY A 22 19.59 -12.68 33.53
N VAL A 23 20.08 -11.58 32.97
CA VAL A 23 20.74 -11.56 31.66
C VAL A 23 22.11 -10.91 31.81
N GLU A 24 23.10 -11.44 31.10
CA GLU A 24 24.46 -10.93 31.21
C GLU A 24 24.52 -9.46 30.84
N VAL A 25 25.33 -8.71 31.57
CA VAL A 25 25.51 -7.29 31.29
C VAL A 25 26.22 -7.09 29.96
N ALA A 26 27.20 -7.95 29.66
CA ALA A 26 27.96 -7.82 28.42
C ALA A 26 27.09 -8.00 27.20
N THR A 27 26.08 -8.88 27.28
CA THR A 27 25.17 -9.07 26.16
C THR A 27 24.00 -8.09 26.16
N LEU A 28 23.82 -7.32 27.22
CA LEU A 28 22.81 -6.26 27.21
C LEU A 28 23.29 -5.05 26.41
N LYS A 29 24.58 -4.76 26.44
CA LYS A 29 25.12 -3.67 25.63
C LYS A 29 25.01 -3.93 24.14
N LYS A 30 24.73 -5.17 23.74
CA LYS A 30 24.52 -5.54 22.34
C LYS A 30 23.05 -5.65 21.97
N ILE A 31 22.26 -6.35 22.80
CA ILE A 31 20.87 -6.61 22.47
C ILE A 31 20.02 -5.36 22.64
N ILE A 32 20.21 -4.64 23.76
CA ILE A 32 19.36 -3.47 24.03
C ILE A 32 19.50 -2.41 22.95
N PRO A 33 20.70 -1.95 22.56
CA PRO A 33 20.77 -1.01 21.44
C PRO A 33 20.38 -1.60 20.10
N LEU A 34 20.34 -2.93 19.99
CA LEU A 34 19.89 -3.57 18.75
C LEU A 34 18.37 -3.57 18.65
N GLY A 35 17.68 -3.92 19.74
CA GLY A 35 16.23 -3.86 19.74
C GLY A 35 15.70 -2.45 19.71
N LEU A 36 16.39 -1.50 20.36
CA LEU A 36 16.01 -0.10 20.26
C LEU A 36 16.20 0.42 18.85
N MET A 37 17.27 -0.02 18.18
CA MET A 37 17.49 0.38 16.79
C MET A 37 16.47 -0.27 15.86
N PHE A 38 16.09 -1.52 16.15
CA PHE A 38 14.99 -2.14 15.42
C PHE A 38 13.68 -1.42 15.68
N PHE A 39 13.49 -0.91 16.90
CA PHE A 39 12.33 -0.09 17.21
C PHE A 39 12.31 1.17 16.36
N CYS A 40 13.46 1.85 16.25
CA CYS A 40 13.53 3.08 15.48
C CYS A 40 13.35 2.82 13.99
N ILE A 41 13.81 1.66 13.50
CA ILE A 41 13.66 1.35 12.08
C ILE A 41 12.20 1.08 11.74
N LEU A 42 11.51 0.29 12.57
CA LEU A 42 10.09 0.06 12.36
C LEU A 42 9.24 1.25 12.75
N PHE A 43 9.80 2.23 13.47
CA PHE A 43 9.08 3.48 13.71
C PHE A 43 9.04 4.33 12.44
N ASN A 44 10.17 4.43 11.75
CA ASN A 44 10.18 5.10 10.44
C ASN A 44 9.36 4.33 9.43
N TYR A 45 9.49 3.01 9.42
CA TYR A 45 8.76 2.19 8.45
C TYR A 45 7.26 2.36 8.59
N THR A 46 6.77 2.36 9.84
CA THR A 46 5.34 2.51 10.06
C THR A 46 4.85 3.92 9.71
N ILE A 47 5.75 4.90 9.70
CA ILE A 47 5.38 6.25 9.27
C ILE A 47 5.45 6.38 7.75
N LEU A 48 6.50 5.83 7.14
CA LEU A 48 6.65 5.92 5.69
C LEU A 48 5.62 5.08 4.95
N ARG A 49 5.26 3.92 5.49
CA ARG A 49 4.32 3.05 4.80
C ARG A 49 2.90 3.58 4.85
N ASP A 50 2.50 4.21 5.97
CA ASP A 50 1.22 4.90 6.00
C ASP A 50 1.25 6.14 5.10
N THR A 51 2.35 6.89 5.13
CA THR A 51 2.45 8.12 4.35
C THR A 51 2.42 7.86 2.85
N LYS A 52 3.18 6.85 2.39
CA LYS A 52 3.24 6.57 0.96
C LYS A 52 1.88 6.16 0.41
N ASP A 53 1.00 5.62 1.25
CA ASP A 53 -0.36 5.36 0.81
C ASP A 53 -1.18 6.66 0.74
N VAL A 54 -0.93 7.58 1.67
CA VAL A 54 -1.62 8.87 1.62
C VAL A 54 -1.25 9.61 0.34
N LEU A 55 0.04 9.57 -0.03
CA LEU A 55 0.51 10.36 -1.15
C LEU A 55 -0.08 9.88 -2.48
N VAL A 56 0.00 8.58 -2.75
CA VAL A 56 -0.38 8.08 -4.07
C VAL A 56 -1.87 7.83 -4.20
N VAL A 57 -2.59 7.64 -3.10
CA VAL A 57 -4.01 7.32 -3.18
C VAL A 57 -4.87 8.58 -3.06
N THR A 58 -4.56 9.48 -2.13
CA THR A 58 -5.35 10.68 -1.94
C THR A 58 -4.93 11.83 -2.84
N ALA A 59 -3.92 11.64 -3.69
CA ALA A 59 -3.56 12.67 -4.65
C ALA A 59 -4.67 12.85 -5.67
N LYS A 60 -4.95 14.10 -6.02
CA LYS A 60 -6.01 14.38 -6.98
C LYS A 60 -5.57 13.94 -8.37
N GLY A 61 -6.46 13.26 -9.07
CA GLY A 61 -6.11 12.60 -10.31
C GLY A 61 -5.51 11.22 -10.15
N SER A 62 -5.37 10.74 -8.91
CA SER A 62 -4.82 9.43 -8.63
C SER A 62 -5.74 8.71 -7.64
N SER A 63 -5.84 7.39 -7.82
CA SER A 63 -6.65 6.56 -6.94
C SER A 63 -5.82 5.42 -6.39
N ALA A 64 -6.47 4.45 -5.73
CA ALA A 64 -5.76 3.28 -5.23
C ALA A 64 -5.35 2.33 -6.34
N GLU A 65 -5.81 2.56 -7.58
CA GLU A 65 -5.44 1.72 -8.71
C GLU A 65 -4.05 2.03 -9.25
N ILE A 66 -3.38 3.06 -8.73
CA ILE A 66 -1.98 3.28 -9.06
C ILE A 66 -1.09 2.25 -8.39
N ILE A 67 -1.57 1.65 -7.29
CA ILE A 67 -0.75 0.68 -6.55
C ILE A 67 -0.38 -0.54 -7.39
N PRO A 68 -1.30 -1.17 -8.12
CA PRO A 68 -0.88 -2.32 -8.95
C PRO A 68 0.22 -1.99 -9.94
N PHE A 69 0.23 -0.78 -10.49
CA PHE A 69 1.24 -0.39 -11.46
C PHE A 69 2.51 0.15 -10.81
N LEU A 70 2.43 0.62 -9.57
CA LEU A 70 3.64 1.00 -8.84
C LEU A 70 4.47 -0.22 -8.46
N LYS A 71 3.80 -1.31 -8.08
CA LYS A 71 4.51 -2.47 -7.55
C LYS A 71 5.33 -3.18 -8.64
N THR A 72 4.81 -3.23 -9.86
CA THR A 72 5.47 -3.99 -10.93
C THR A 72 6.31 -3.12 -11.84
N TRP A 73 5.81 -1.96 -12.25
CA TRP A 73 6.49 -1.14 -13.24
C TRP A 73 7.40 -0.09 -12.64
N VAL A 74 7.30 0.20 -11.34
CA VAL A 74 8.10 1.26 -10.76
C VAL A 74 9.06 0.72 -9.72
N ASN A 75 8.54 0.19 -8.62
CA ASN A 75 9.42 -0.20 -7.52
C ASN A 75 10.03 -1.59 -7.68
N LEU A 76 9.43 -2.45 -8.52
CA LEU A 76 10.09 -3.71 -8.84
C LEU A 76 11.40 -3.49 -9.59
N PRO A 77 11.47 -2.71 -10.67
CA PRO A 77 12.78 -2.45 -11.29
C PRO A 77 13.71 -1.63 -10.40
N MET A 78 13.17 -0.75 -9.56
CA MET A 78 14.02 0.03 -8.67
C MET A 78 14.57 -0.82 -7.54
N ALA A 79 13.75 -1.73 -6.98
CA ALA A 79 14.25 -2.64 -5.96
C ALA A 79 15.33 -3.55 -6.52
N ILE A 80 15.14 -4.06 -7.74
CA ILE A 80 16.19 -4.83 -8.39
C ILE A 80 17.41 -3.95 -8.63
N GLY A 81 17.20 -2.77 -9.22
CA GLY A 81 18.30 -1.86 -9.47
C GLY A 81 19.02 -1.43 -8.20
N PHE A 82 18.30 -1.43 -7.07
CA PHE A 82 18.92 -1.11 -5.79
C PHE A 82 19.76 -2.29 -5.29
N MET A 83 19.29 -3.52 -5.52
CA MET A 83 20.03 -4.70 -5.09
C MET A 83 21.28 -4.95 -5.90
N LEU A 84 21.37 -4.43 -7.13
CA LEU A 84 22.62 -4.48 -7.87
C LEU A 84 23.57 -3.35 -7.49
N LEU A 85 23.04 -2.17 -7.17
CA LEU A 85 23.90 -1.11 -6.65
C LEU A 85 24.43 -1.47 -5.27
N TYR A 86 23.58 -2.06 -4.41
CA TYR A 86 24.03 -2.50 -3.10
C TYR A 86 25.06 -3.62 -3.23
N THR A 87 24.84 -4.57 -4.14
CA THR A 87 25.78 -5.66 -4.33
C THR A 87 27.12 -5.15 -4.87
N LYS A 88 27.09 -4.16 -5.75
CA LYS A 88 28.35 -3.58 -6.23
C LYS A 88 29.03 -2.76 -5.16
N LEU A 89 28.26 -2.05 -4.33
CA LEU A 89 28.85 -1.28 -3.24
C LEU A 89 29.31 -2.17 -2.09
N SER A 90 28.81 -3.40 -1.99
CA SER A 90 29.21 -4.31 -0.93
C SER A 90 30.62 -4.84 -1.12
N ASN A 91 31.30 -4.50 -2.21
CA ASN A 91 32.67 -4.93 -2.45
C ASN A 91 33.67 -3.78 -2.42
N VAL A 92 33.22 -2.54 -2.67
CA VAL A 92 34.11 -1.38 -2.63
C VAL A 92 33.98 -0.58 -1.34
N LEU A 93 33.08 -0.98 -0.45
CA LEU A 93 32.87 -0.31 0.83
C LEU A 93 33.04 -1.30 1.96
N SER A 94 33.45 -0.79 3.12
CA SER A 94 33.52 -1.61 4.32
C SER A 94 32.11 -1.86 4.86
N LYS A 95 32.03 -2.70 5.89
CA LYS A 95 30.74 -3.00 6.49
C LYS A 95 30.11 -1.76 7.12
N LYS A 96 30.93 -0.92 7.77
CA LYS A 96 30.41 0.31 8.37
C LYS A 96 30.06 1.33 7.30
N ALA A 97 30.91 1.48 6.28
CA ALA A 97 30.62 2.42 5.20
C ALA A 97 29.37 2.01 4.43
N LEU A 98 29.09 0.72 4.35
CA LEU A 98 27.86 0.26 3.70
C LEU A 98 26.63 0.71 4.48
N PHE A 99 26.67 0.63 5.81
CA PHE A 99 25.56 1.13 6.62
C PHE A 99 25.82 2.60 6.98
N TYR A 100 26.26 3.36 5.99
CA TYR A 100 26.14 4.81 5.99
C TYR A 100 25.86 5.39 4.61
N THR A 101 26.07 4.62 3.54
CA THR A 101 25.77 5.01 2.18
C THR A 101 24.38 4.55 1.75
N VAL A 102 23.83 3.56 2.43
CA VAL A 102 22.51 3.03 2.12
C VAL A 102 21.44 3.53 3.10
N ILE A 103 21.84 4.02 4.27
CA ILE A 103 20.90 4.51 5.26
C ILE A 103 20.76 6.04 5.25
N VAL A 104 21.82 6.77 4.94
CA VAL A 104 21.82 8.23 5.05
C VAL A 104 21.08 8.88 3.88
N PRO A 105 21.25 8.43 2.63
CA PRO A 105 20.44 9.00 1.55
C PRO A 105 18.94 8.85 1.78
N PHE A 106 18.51 7.81 2.49
CA PHE A 106 17.11 7.70 2.87
C PHE A 106 16.71 8.84 3.80
N ILE A 107 17.53 9.11 4.82
CA ILE A 107 17.23 10.19 5.76
C ILE A 107 17.25 11.53 5.05
N ILE A 108 18.19 11.72 4.12
CA ILE A 108 18.23 12.96 3.35
C ILE A 108 17.01 13.09 2.47
N TYR A 109 16.60 12.01 1.80
CA TYR A 109 15.48 12.08 0.88
C TYR A 109 14.19 12.46 1.61
N PHE A 110 13.86 11.75 2.69
CA PHE A 110 12.60 12.01 3.38
C PHE A 110 12.60 13.36 4.05
N GLY A 111 13.73 13.81 4.57
CA GLY A 111 13.82 15.16 5.10
C GLY A 111 13.67 16.21 4.01
N ALA A 112 14.32 16.00 2.87
CA ALA A 112 14.17 16.94 1.76
C ALA A 112 12.81 16.85 1.09
N PHE A 113 12.09 15.74 1.28
CA PHE A 113 10.78 15.61 0.67
C PHE A 113 9.73 16.44 1.40
N GLY A 114 9.57 16.19 2.70
CA GLY A 114 8.56 16.91 3.47
C GLY A 114 8.83 18.40 3.60
N PHE A 115 10.07 18.82 3.42
CA PHE A 115 10.43 20.22 3.55
C PHE A 115 10.62 20.93 2.22
N VAL A 116 11.02 20.21 1.17
CA VAL A 116 11.30 20.85 -0.11
C VAL A 116 10.48 20.20 -1.22
N MET A 117 10.62 18.88 -1.40
CA MET A 117 10.08 18.24 -2.60
C MET A 117 8.56 18.29 -2.64
N TYR A 118 7.90 17.88 -1.55
CA TYR A 118 6.43 17.87 -1.54
C TYR A 118 5.83 19.27 -1.69
N PRO A 119 6.32 20.31 -0.99
CA PRO A 119 5.79 21.65 -1.24
CA PRO A 119 5.79 21.65 -1.24
C PRO A 119 5.87 22.07 -2.70
N LEU A 120 6.94 21.67 -3.38
CA LEU A 120 7.22 22.08 -4.75
C LEU A 120 6.77 21.00 -5.75
N SER A 121 5.66 20.34 -5.42
CA SER A 121 5.14 19.26 -6.23
C SER A 121 4.05 19.69 -7.20
N ASN A 122 3.48 20.88 -7.02
CA ASN A 122 2.49 21.43 -7.96
C ASN A 122 3.23 22.31 -8.96
N TYR A 123 4.51 21.98 -9.15
CA TYR A 123 5.47 22.80 -9.87
C TYR A 123 6.21 21.85 -10.80
N ILE A 124 6.17 20.57 -10.44
CA ILE A 124 6.93 19.52 -11.10
C ILE A 124 6.05 18.36 -11.56
N HIS A 125 4.80 18.30 -11.11
CA HIS A 125 3.90 17.24 -11.54
C HIS A 125 3.19 17.66 -12.81
N PRO A 126 3.35 16.94 -13.92
CA PRO A 126 2.66 17.33 -15.16
C PRO A 126 1.17 17.00 -15.12
N GLU A 127 0.38 17.85 -14.46
CA GLU A 127 -1.04 17.62 -14.36
C GLU A 127 -1.74 17.81 -15.70
N ALA A 128 -1.24 18.72 -16.54
CA ALA A 128 -1.86 18.95 -17.84
C ALA A 128 -1.59 17.81 -18.81
N LEU A 129 -0.35 17.33 -18.87
CA LEU A 129 -0.02 16.22 -19.78
C LEU A 129 -0.74 14.95 -19.37
N ALA A 130 -0.83 14.69 -18.06
CA ALA A 130 -1.55 13.52 -17.59
C ALA A 130 -3.03 13.59 -17.94
N ASP A 131 -3.63 14.77 -17.86
CA ASP A 131 -5.03 14.93 -18.25
C ASP A 131 -5.23 14.67 -19.73
N LYS A 132 -4.30 15.14 -20.57
CA LYS A 132 -4.39 14.85 -22.00
C LYS A 132 -4.26 13.36 -22.27
N LEU A 133 -3.35 12.68 -21.55
CA LEU A 133 -3.24 11.23 -21.68
C LEU A 133 -4.49 10.52 -21.16
N LEU A 134 -5.11 11.07 -20.10
CA LEU A 134 -6.29 10.43 -19.54
C LEU A 134 -7.47 10.46 -20.50
N THR A 135 -7.61 11.52 -21.28
CA THR A 135 -8.69 11.61 -22.25
C THR A 135 -8.45 10.74 -23.47
N THR A 136 -7.23 10.77 -24.02
CA THR A 136 -6.96 10.01 -25.25
C THR A 136 -6.94 8.51 -25.01
N LEU A 137 -6.69 8.06 -23.77
CA LEU A 137 -6.61 6.64 -23.46
C LEU A 137 -7.92 6.08 -22.91
N GLY A 138 -8.46 6.71 -21.86
CA GLY A 138 -9.72 6.27 -21.29
C GLY A 138 -9.75 6.39 -19.78
N PRO A 139 -10.95 6.24 -19.20
CA PRO A 139 -11.06 6.33 -17.74
C PRO A 139 -10.40 5.18 -17.00
N ARG A 140 -10.19 4.03 -17.64
CA ARG A 140 -9.59 2.89 -16.98
C ARG A 140 -8.07 3.00 -16.90
N PHE A 141 -7.48 4.04 -17.46
CA PHE A 141 -6.04 4.23 -17.45
C PHE A 141 -5.58 5.24 -16.40
N MET A 142 -6.46 5.67 -15.50
CA MET A 142 -6.05 6.61 -14.46
C MET A 142 -4.97 6.03 -13.56
N GLY A 143 -4.97 4.70 -13.39
CA GLY A 143 -3.95 4.05 -12.60
C GLY A 143 -2.56 4.23 -13.16
N PRO A 144 -2.29 3.66 -14.34
CA PRO A 144 -0.96 3.81 -14.94
C PRO A 144 -0.58 5.25 -15.25
N ILE A 145 -1.54 6.09 -15.65
CA ILE A 145 -1.23 7.48 -15.97
C ILE A 145 -0.83 8.25 -14.72
N ALA A 146 -1.45 7.95 -13.57
CA ALA A 146 -1.12 8.63 -12.33
C ALA A 146 0.35 8.46 -11.96
N ILE A 147 1.01 7.42 -12.47
CA ILE A 147 2.44 7.27 -12.23
C ILE A 147 3.21 8.45 -12.80
N LEU A 148 2.80 8.93 -13.97
CA LEU A 148 3.41 10.13 -14.54
C LEU A 148 2.82 11.40 -13.93
N ARG A 149 1.58 11.33 -13.43
CA ARG A 149 0.94 12.53 -12.88
C ARG A 149 1.59 12.98 -11.58
N ILE A 150 1.90 12.03 -10.69
CA ILE A 150 2.43 12.35 -9.38
C ILE A 150 3.79 11.66 -9.19
N TRP A 151 4.57 11.59 -10.27
CA TRP A 151 5.79 10.79 -10.30
C TRP A 151 6.68 11.02 -9.08
N SER A 152 6.71 12.24 -8.54
CA SER A 152 7.52 12.48 -7.36
C SER A 152 6.94 11.79 -6.13
N PHE A 153 5.61 11.68 -6.05
CA PHE A 153 5.00 10.87 -5.00
C PHE A 153 5.28 9.39 -5.21
N CYS A 154 5.36 8.97 -6.48
CA CYS A 154 5.73 7.59 -6.79
C CYS A 154 7.17 7.30 -6.40
N LEU A 155 8.06 8.29 -6.54
CA LEU A 155 9.44 8.10 -6.09
C LEU A 155 9.50 8.00 -4.58
N PHE A 156 8.66 8.77 -3.87
CA PHE A 156 8.54 8.61 -2.43
C PHE A 156 8.03 7.22 -2.08
N TYR A 157 7.09 6.70 -2.87
CA TYR A 157 6.57 5.36 -2.64
C TYR A 157 7.68 4.32 -2.76
N VAL A 158 8.56 4.47 -3.77
CA VAL A 158 9.65 3.52 -3.95
C VAL A 158 10.61 3.58 -2.77
N MET A 159 10.98 4.79 -2.33
CA MET A 159 11.91 4.92 -1.22
C MET A 159 11.31 4.39 0.08
N ALA A 160 10.01 4.62 0.29
CA ALA A 160 9.35 4.07 1.46
C ALA A 160 9.29 2.54 1.39
N GLU A 161 9.05 1.99 0.19
CA GLU A 161 9.16 0.55 0.01
C GLU A 161 10.58 0.06 0.26
N LEU A 162 11.57 0.78 -0.26
CA LEU A 162 12.96 0.36 -0.10
C LEU A 162 13.43 0.45 1.35
N TRP A 163 12.71 1.20 2.20
CA TRP A 163 13.05 1.21 3.62
C TRP A 163 12.77 -0.14 4.25
N GLY A 164 11.59 -0.71 3.98
CA GLY A 164 11.26 -2.02 4.51
C GLY A 164 12.00 -3.16 3.82
N SER A 165 12.44 -2.94 2.58
CA SER A 165 13.12 -3.98 1.82
C SER A 165 14.62 -4.01 2.08
N VAL A 166 15.22 -2.87 2.42
CA VAL A 166 16.67 -2.75 2.57
C VAL A 166 17.06 -2.44 4.00
N VAL A 167 16.46 -1.41 4.59
CA VAL A 167 16.81 -1.02 5.95
C VAL A 167 16.33 -2.08 6.93
N VAL A 168 15.09 -2.55 6.77
CA VAL A 168 14.54 -3.54 7.68
C VAL A 168 15.11 -4.93 7.37
N SER A 169 14.95 -5.37 6.11
CA SER A 169 15.25 -6.76 5.77
C SER A 169 16.74 -7.00 5.54
N VAL A 170 17.47 -6.02 5.02
CA VAL A 170 18.85 -6.20 4.61
C VAL A 170 19.82 -5.54 5.58
N LEU A 171 19.63 -4.23 5.83
CA LEU A 171 20.61 -3.48 6.62
C LEU A 171 20.64 -3.94 8.08
N PHE A 172 19.46 -4.03 8.72
CA PHE A 172 19.44 -4.36 10.13
C PHE A 172 19.73 -5.84 10.36
N TRP A 173 18.94 -6.72 9.75
CA TRP A 173 19.11 -8.15 9.99
C TRP A 173 20.45 -8.64 9.47
N GLY A 174 21.02 -7.95 8.47
CA GLY A 174 22.39 -8.24 8.08
C GLY A 174 23.40 -7.82 9.14
N PHE A 175 23.08 -6.77 9.89
CA PHE A 175 23.93 -6.32 11.00
C PHE A 175 23.63 -7.05 12.29
N ALA A 176 22.37 -7.40 12.53
CA ALA A 176 22.02 -8.16 13.73
C ALA A 176 22.58 -9.58 13.68
N ASN A 177 22.65 -10.16 12.49
CA ASN A 177 23.17 -11.52 12.35
C ASN A 177 24.69 -11.59 12.40
N GLN A 178 25.38 -10.49 12.09
CA GLN A 178 26.84 -10.47 12.10
C GLN A 178 27.41 -10.10 13.46
N ILE A 179 26.57 -9.77 14.44
CA ILE A 179 27.06 -9.38 15.76
C ILE A 179 26.47 -10.21 16.88
N THR A 180 25.33 -10.87 16.70
CA THR A 180 24.73 -11.70 17.73
C THR A 180 25.15 -13.16 17.53
N THR A 181 25.43 -13.83 18.64
CA THR A 181 25.75 -15.24 18.61
C THR A 181 24.50 -16.04 18.24
N VAL A 182 24.72 -17.26 17.74
CA VAL A 182 23.62 -18.09 17.26
C VAL A 182 22.59 -18.31 18.37
N ASP A 183 23.05 -18.42 19.61
CA ASP A 183 22.10 -18.56 20.72
C ASP A 183 21.50 -17.22 21.14
N GLU A 184 22.23 -16.12 20.96
CA GLU A 184 21.63 -14.80 21.20
C GLU A 184 20.58 -14.49 20.16
N ALA A 185 20.79 -14.92 18.92
CA ALA A 185 19.81 -14.72 17.85
C ALA A 185 18.60 -15.62 18.01
N LYS A 186 18.64 -16.58 18.92
CA LYS A 186 17.53 -17.50 19.15
C LYS A 186 16.64 -17.07 20.32
N LYS A 187 17.20 -16.34 21.28
CA LYS A 187 16.46 -15.89 22.46
C LYS A 187 15.92 -14.47 22.31
N PHE A 188 16.67 -13.56 21.68
CA PHE A 188 16.31 -12.16 21.66
C PHE A 188 15.61 -11.72 20.38
N TYR A 189 15.79 -12.44 19.28
CA TYR A 189 15.06 -12.10 18.05
C TYR A 189 13.55 -12.15 18.23
N PRO A 190 12.96 -13.14 18.91
CA PRO A 190 11.52 -13.04 19.21
C PRO A 190 11.14 -11.80 19.99
N LEU A 191 12.05 -11.24 20.78
CA LEU A 191 11.78 -10.00 21.50
C LEU A 191 11.91 -8.78 20.62
N PHE A 192 12.71 -8.83 19.55
CA PHE A 192 12.78 -7.70 18.61
C PHE A 192 11.47 -7.54 17.86
N GLY A 193 10.85 -8.66 17.44
CA GLY A 193 9.54 -8.57 16.83
C GLY A 193 8.48 -8.05 17.78
N LEU A 194 8.59 -8.40 19.07
CA LEU A 194 7.69 -7.83 20.06
C LEU A 194 7.88 -6.32 20.18
N GLY A 195 9.13 -5.87 20.18
CA GLY A 195 9.41 -4.44 20.20
C GLY A 195 9.15 -3.74 18.88
N ALA A 196 9.09 -4.50 17.78
CA ALA A 196 8.75 -3.92 16.50
C ALA A 196 7.29 -3.48 16.43
N ASN A 197 6.42 -4.12 17.20
CA ASN A 197 5.01 -3.75 17.24
C ASN A 197 4.71 -2.68 18.26
N VAL A 198 5.58 -2.52 19.27
CA VAL A 198 5.52 -1.32 20.10
C VAL A 198 5.83 -0.08 19.27
N ALA A 199 6.69 -0.24 18.25
CA ALA A 199 6.95 0.81 17.28
C ALA A 199 5.81 0.98 16.28
N LEU A 200 4.80 0.11 16.31
CA LEU A 200 3.58 0.30 15.55
C LEU A 200 2.48 0.96 16.36
N ILE A 201 2.39 0.63 17.66
CA ILE A 201 1.44 1.29 18.54
C ILE A 201 1.80 2.76 18.72
N PHE A 202 3.10 3.05 18.91
CA PHE A 202 3.53 4.42 19.18
C PHE A 202 3.55 5.26 17.91
N SER A 203 4.19 4.75 16.85
CA SER A 203 4.22 5.49 15.59
C SER A 203 2.83 5.62 14.98
N GLY A 204 1.95 4.66 15.27
CA GLY A 204 0.55 4.83 14.87
C GLY A 204 -0.11 5.98 15.59
N ARG A 205 0.12 6.08 16.90
CA ARG A 205 -0.35 7.25 17.64
C ARG A 205 0.38 8.51 17.21
N THR A 206 1.66 8.38 16.84
CA THR A 206 2.40 9.52 16.31
C THR A 206 1.81 10.00 14.99
N VAL A 207 1.47 9.07 14.10
CA VAL A 207 0.92 9.45 12.80
C VAL A 207 -0.42 10.13 12.96
N LYS A 208 -1.28 9.58 13.82
CA LYS A 208 -2.58 10.20 14.07
C LYS A 208 -2.43 11.60 14.67
N TYR A 209 -1.56 11.74 15.66
CA TYR A 209 -1.41 13.03 16.35
C TYR A 209 -1.03 14.12 15.36
N PHE A 210 -0.10 13.83 14.46
CA PHE A 210 0.35 14.80 13.48
C PHE A 210 -0.51 14.81 12.22
N SER A 211 -1.54 13.95 12.15
CA SER A 211 -2.46 13.95 11.02
C SER A 211 -3.70 14.79 11.29
N ASN A 212 -4.14 14.87 12.54
CA ASN A 212 -5.29 15.71 12.90
C ASN A 212 -5.05 17.15 12.43
N LEU A 213 -5.90 17.61 11.53
CA LEU A 213 -5.85 18.99 11.07
C LEU A 213 -5.86 19.95 12.24
N ARG A 214 -4.79 20.72 12.36
CA ARG A 214 -4.73 21.79 13.34
C ARG A 214 -5.91 22.73 13.13
N LYS A 215 -6.54 23.15 14.23
CA LYS A 215 -7.66 24.09 14.12
C LYS A 215 -7.25 25.35 13.38
N ASN A 216 -5.96 25.70 13.44
CA ASN A 216 -5.42 26.78 12.64
C ASN A 216 -5.67 26.49 11.17
N LEU A 217 -6.52 27.29 10.54
CA LEU A 217 -6.82 27.16 9.12
C LEU A 217 -5.85 28.03 8.33
N GLY A 218 -5.80 27.81 7.02
CA GLY A 218 -5.01 28.63 6.14
C GLY A 218 -5.81 29.11 4.95
N PRO A 219 -5.37 30.20 4.32
CA PRO A 219 -5.99 30.62 3.06
C PRO A 219 -5.88 29.52 2.02
N GLY A 220 -4.66 29.06 1.79
CA GLY A 220 -4.40 27.92 0.94
C GLY A 220 -3.36 27.02 1.58
N VAL A 221 -3.14 27.21 2.89
CA VAL A 221 -2.16 26.40 3.61
C VAL A 221 -2.60 24.95 3.57
N ASP A 222 -1.77 24.10 2.98
CA ASP A 222 -2.05 22.67 2.96
C ASP A 222 -1.90 22.12 4.37
N GLY A 223 -3.02 21.69 4.96
CA GLY A 223 -2.96 21.04 6.25
C GLY A 223 -2.15 19.77 6.24
N TRP A 224 -1.97 19.16 5.07
CA TRP A 224 -1.13 17.97 4.94
C TRP A 224 0.34 18.32 4.79
N ALA A 225 0.66 19.50 4.27
CA ALA A 225 2.06 19.89 4.14
C ALA A 225 2.71 20.09 5.50
N VAL A 226 2.03 20.79 6.40
CA VAL A 226 2.54 20.92 7.76
C VAL A 226 2.48 19.59 8.48
N SER A 227 1.49 18.75 8.16
CA SER A 227 1.41 17.43 8.75
C SER A 227 2.51 16.51 8.23
N LEU A 228 2.81 16.61 6.93
CA LEU A 228 3.82 15.73 6.33
C LEU A 228 5.21 16.02 6.87
N LYS A 229 5.59 17.31 6.94
CA LYS A 229 6.91 17.66 7.41
C LYS A 229 7.06 17.50 8.91
N ALA A 230 5.94 17.40 9.64
CA ALA A 230 6.00 17.01 11.04
C ALA A 230 6.27 15.53 11.22
N MET A 231 6.01 14.72 10.20
CA MET A 231 6.32 13.29 10.21
C MET A 231 7.73 13.04 9.66
N MET A 232 8.07 13.69 8.55
CA MET A 232 9.39 13.51 7.95
C MET A 232 10.49 14.08 8.84
N SER A 233 10.15 14.94 9.80
CA SER A 233 11.14 15.38 10.78
C SER A 233 11.46 14.26 11.76
N ILE A 234 10.44 13.51 12.18
CA ILE A 234 10.66 12.37 13.06
C ILE A 234 11.39 11.26 12.31
N VAL A 235 11.07 11.08 11.03
CA VAL A 235 11.80 10.09 10.22
C VAL A 235 13.28 10.43 10.18
N VAL A 236 13.61 11.71 10.00
CA VAL A 236 14.99 12.15 10.11
C VAL A 236 15.49 11.99 11.55
N GLY A 237 14.66 12.37 12.52
CA GLY A 237 15.07 12.27 13.91
C GLY A 237 15.30 10.84 14.36
N MET A 238 14.37 9.93 14.00
CA MET A 238 14.56 8.54 14.33
C MET A 238 15.59 7.88 13.41
N GLY A 239 15.70 8.34 12.16
CA GLY A 239 16.75 7.85 11.29
C GLY A 239 18.14 8.22 11.77
N LEU A 240 18.28 9.41 12.36
CA LEU A 240 19.55 9.78 12.97
C LEU A 240 19.85 8.97 14.23
N ALA A 241 18.81 8.48 14.91
CA ALA A 241 19.02 7.58 16.04
C ALA A 241 19.50 6.21 15.58
N ILE A 242 19.03 5.74 14.42
CA ILE A 242 19.54 4.49 13.87
C ILE A 242 21.02 4.60 13.55
N CYS A 243 21.41 5.71 12.92
CA CYS A 243 22.83 5.93 12.64
C CYS A 243 23.63 6.18 13.92
N LEU A 244 23.01 6.78 14.93
CA LEU A 244 23.69 6.99 16.21
C LEU A 244 23.80 5.69 17.00
N LEU A 245 22.73 4.90 17.05
CA LEU A 245 22.79 3.62 17.74
C LEU A 245 23.75 2.66 17.05
N TYR A 246 23.74 2.65 15.71
CA TYR A 246 24.64 1.77 14.97
C TYR A 246 26.09 2.12 15.25
N TRP A 247 26.41 3.41 15.35
CA TRP A 247 27.77 3.83 15.68
C TRP A 247 28.15 3.38 17.09
N TRP A 248 27.20 3.40 18.02
CA TRP A 248 27.49 2.99 19.39
C TRP A 248 27.83 1.51 19.45
N VAL A 249 27.03 0.67 18.80
CA VAL A 249 27.21 -0.78 18.88
C VAL A 249 28.45 -1.22 18.13
N ASN A 250 28.99 -0.39 17.25
CA ASN A 250 30.18 -0.73 16.48
C ASN A 250 31.47 -0.18 17.09
N ARG A 251 31.41 0.47 18.25
CA ARG A 251 32.61 0.97 18.89
C ARG A 251 32.74 0.54 20.35
N TYR A 252 31.62 0.37 21.04
CA TYR A 252 31.57 -0.10 22.42
C TYR A 252 31.20 -1.57 22.58
N VAL A 253 30.83 -2.25 21.51
CA VAL A 253 30.40 -3.64 21.64
C VAL A 253 31.40 -4.55 20.94
N PRO A 254 32.12 -5.40 21.69
CA PRO A 254 33.04 -6.35 21.05
C PRO A 254 32.31 -7.36 20.19
N LEU A 255 32.51 -7.27 18.88
CA LEU A 255 31.85 -8.17 17.94
C LEU A 255 32.59 -9.49 17.84
N PRO A 256 31.89 -10.57 17.49
CA PRO A 256 32.57 -11.85 17.29
C PRO A 256 33.55 -11.79 16.13
N THR A 257 34.55 -12.68 16.18
CA THR A 257 35.63 -12.71 15.20
C THR A 257 35.41 -13.82 14.18
N ARG A 258 34.17 -14.00 13.75
CA ARG A 258 33.86 -14.96 12.70
C ARG A 258 34.66 -14.60 11.44
N SER A 259 35.44 -15.55 10.95
CA SER A 259 36.43 -15.27 9.92
C SER A 259 35.77 -15.22 8.54
N LYS A 260 36.60 -15.16 7.50
CA LYS A 260 36.15 -15.09 6.11
C LYS A 260 35.43 -16.36 5.67
N ASN A 261 35.56 -17.45 6.42
CA ASN A 261 35.04 -18.77 6.02
C ASN A 261 33.52 -18.81 6.15
N LYS A 262 32.84 -18.12 5.23
CA LYS A 262 31.42 -18.35 4.97
C LYS A 262 31.27 -18.57 3.47
N LYS A 263 31.67 -19.77 3.03
CA LYS A 263 31.47 -20.33 1.68
C LYS A 263 31.64 -19.29 0.59
N GLU A 264 32.52 -18.31 0.80
CA GLU A 264 32.81 -17.23 -0.17
C GLU A 264 31.52 -16.75 -0.84
N LYS A 265 30.62 -16.21 0.01
CA LYS A 265 29.17 -16.21 -0.24
C LYS A 265 28.82 -15.85 -1.68
N PRO A 266 28.45 -16.83 -2.48
CA PRO A 266 28.01 -16.66 -3.88
C PRO A 266 26.49 -16.48 -4.04
N LYS A 267 26.02 -15.25 -3.84
CA LYS A 267 24.62 -14.95 -4.11
C LYS A 267 24.25 -15.49 -5.48
N MET A 268 23.36 -16.48 -5.51
CA MET A 268 23.29 -17.43 -6.63
C MET A 268 22.38 -16.88 -7.73
N GLY A 269 22.76 -15.70 -8.23
CA GLY A 269 22.10 -15.00 -9.32
C GLY A 269 20.60 -14.93 -9.16
N THR A 270 19.90 -14.89 -10.29
CA THR A 270 18.44 -14.92 -10.31
C THR A 270 17.90 -16.16 -11.01
N MET A 271 18.28 -16.38 -12.28
CA MET A 271 17.75 -17.51 -13.03
C MET A 271 18.20 -18.82 -12.41
N GLU A 272 19.49 -18.95 -12.11
CA GLU A 272 19.98 -20.12 -11.40
C GLU A 272 19.40 -20.20 -9.99
N SER A 273 19.01 -19.06 -9.41
CA SER A 273 18.36 -19.10 -8.10
C SER A 273 17.02 -19.83 -8.16
N LEU A 274 16.14 -19.43 -9.08
CA LEU A 274 14.90 -20.19 -9.14
C LEU A 274 15.07 -21.56 -9.80
N LYS A 275 16.17 -21.78 -10.51
CA LYS A 275 16.54 -23.13 -10.91
C LYS A 275 16.78 -24.01 -9.69
N PHE A 276 17.53 -23.49 -8.71
CA PHE A 276 17.67 -24.17 -7.44
C PHE A 276 16.31 -24.35 -6.76
N LEU A 277 15.45 -23.33 -6.86
CA LEU A 277 14.11 -23.44 -6.28
C LEU A 277 13.38 -24.68 -6.79
N VAL A 278 13.31 -24.83 -8.11
CA VAL A 278 12.57 -25.98 -8.65
C VAL A 278 13.34 -27.28 -8.41
N SER A 279 14.66 -27.21 -8.30
CA SER A 279 15.43 -28.44 -8.11
C SER A 279 15.13 -29.09 -6.75
N SER A 280 15.03 -28.29 -5.70
CA SER A 280 14.84 -28.82 -4.36
C SER A 280 13.38 -28.73 -3.96
N PRO A 281 12.69 -29.86 -3.76
CA PRO A 281 11.27 -29.81 -3.38
C PRO A 281 11.00 -29.14 -2.04
N TYR A 282 11.99 -29.04 -1.16
CA TYR A 282 11.76 -28.42 0.13
C TYR A 282 11.69 -26.90 0.02
N ILE A 283 12.49 -26.31 -0.88
CA ILE A 283 12.52 -24.86 -1.02
C ILE A 283 11.43 -24.34 -1.95
N ARG A 284 10.99 -25.14 -2.92
CA ARG A 284 9.92 -24.70 -3.81
C ARG A 284 8.64 -24.43 -3.02
N ASP A 285 8.33 -25.28 -2.04
CA ASP A 285 7.10 -25.08 -1.26
C ASP A 285 7.22 -23.87 -0.34
N LEU A 286 8.39 -23.67 0.27
CA LEU A 286 8.59 -22.49 1.11
C LEU A 286 8.47 -21.21 0.29
N ALA A 287 9.09 -21.18 -0.90
CA ALA A 287 8.94 -20.03 -1.78
C ALA A 287 7.50 -19.88 -2.23
N THR A 288 6.78 -20.99 -2.42
CA THR A 288 5.37 -20.91 -2.77
C THR A 288 4.56 -20.22 -1.68
N LEU A 289 4.82 -20.57 -0.41
CA LEU A 289 4.15 -19.89 0.68
C LEU A 289 4.50 -18.40 0.71
N VAL A 290 5.79 -18.08 0.54
CA VAL A 290 6.23 -16.70 0.63
C VAL A 290 5.67 -15.85 -0.51
N VAL A 291 5.43 -16.45 -1.68
CA VAL A 291 4.84 -15.67 -2.77
C VAL A 291 3.31 -15.62 -2.67
N ALA A 292 2.69 -16.68 -2.15
CA ALA A 292 1.24 -16.66 -1.96
C ALA A 292 0.84 -15.60 -0.96
N TYR A 293 1.58 -15.48 0.14
CA TYR A 293 1.44 -14.33 1.01
C TYR A 293 2.26 -13.20 0.39
N GLY A 294 1.58 -12.31 -0.31
CA GLY A 294 2.25 -11.32 -1.13
C GLY A 294 1.50 -11.17 -2.43
N ILE A 295 0.92 -12.28 -2.92
CA ILE A 295 -0.10 -12.17 -3.95
C ILE A 295 -1.47 -11.91 -3.32
N SER A 296 -1.88 -12.76 -2.39
CA SER A 296 -3.23 -12.68 -1.85
C SER A 296 -3.44 -11.41 -1.03
N ILE A 297 -2.43 -11.03 -0.24
CA ILE A 297 -2.57 -9.83 0.59
C ILE A 297 -2.76 -8.60 -0.27
N ASN A 298 -2.04 -8.50 -1.39
CA ASN A 298 -2.27 -7.40 -2.32
C ASN A 298 -3.66 -7.49 -2.94
N LEU A 299 -4.07 -8.70 -3.35
CA LEU A 299 -5.37 -8.88 -3.99
C LEU A 299 -6.51 -8.36 -3.12
N VAL A 300 -6.37 -8.45 -1.80
CA VAL A 300 -7.40 -7.86 -0.93
C VAL A 300 -7.10 -6.39 -0.62
N GLU A 301 -5.82 -6.07 -0.43
CA GLU A 301 -5.44 -4.80 0.19
C GLU A 301 -5.62 -3.63 -0.76
N VAL A 302 -5.39 -3.83 -2.06
CA VAL A 302 -5.52 -2.70 -2.97
C VAL A 302 -6.98 -2.27 -3.08
N THR A 303 -7.90 -3.23 -3.17
CA THR A 303 -9.32 -2.89 -3.16
C THR A 303 -9.73 -2.26 -1.84
N TRP A 304 -9.18 -2.77 -0.73
CA TRP A 304 -9.50 -2.15 0.56
C TRP A 304 -9.03 -0.70 0.60
N LYS A 305 -7.87 -0.40 0.02
CA LYS A 305 -7.41 0.98 -0.04
C LYS A 305 -8.25 1.83 -0.99
N SER A 306 -8.84 1.23 -2.02
CA SER A 306 -9.80 1.97 -2.83
C SER A 306 -10.99 2.40 -1.98
N LYS A 307 -11.52 1.47 -1.18
CA LYS A 307 -12.58 1.84 -0.24
C LYS A 307 -12.10 2.90 0.76
N LEU A 308 -10.83 2.81 1.17
CA LEU A 308 -10.27 3.79 2.09
C LEU A 308 -10.28 5.19 1.48
N LYS A 309 -9.86 5.29 0.22
CA LYS A 309 -9.91 6.56 -0.49
C LYS A 309 -11.33 7.08 -0.57
N ALA A 310 -12.29 6.19 -0.80
CA ALA A 310 -13.68 6.61 -0.83
C ALA A 310 -14.14 7.17 0.52
N GLN A 311 -13.70 6.55 1.62
CA GLN A 311 -14.18 6.96 2.94
C GLN A 311 -13.46 8.19 3.48
N PHE A 312 -12.15 8.30 3.22
CA PHE A 312 -11.34 9.41 3.73
C PHE A 312 -10.69 10.12 2.55
N PRO A 313 -11.44 10.98 1.85
CA PRO A 313 -10.85 11.67 0.68
C PRO A 313 -9.71 12.60 1.05
N SER A 314 -9.79 13.27 2.20
CA SER A 314 -8.73 14.19 2.58
C SER A 314 -7.45 13.43 2.90
N PRO A 315 -6.29 13.97 2.55
CA PRO A 315 -5.03 13.30 2.94
C PRO A 315 -4.89 13.15 4.44
N ASN A 316 -5.36 14.13 5.22
CA ASN A 316 -5.16 14.09 6.66
C ASN A 316 -6.08 13.08 7.33
N GLU A 317 -7.33 12.98 6.88
CA GLU A 317 -8.22 11.96 7.41
C GLU A 317 -7.71 10.56 7.08
N TYR A 318 -7.24 10.37 5.85
CA TYR A 318 -6.68 9.08 5.45
C TYR A 318 -5.45 8.75 6.29
N SER A 319 -4.61 9.75 6.55
CA SER A 319 -3.41 9.53 7.37
C SER A 319 -3.77 9.24 8.82
N ALA A 320 -4.77 9.93 9.37
CA ALA A 320 -5.19 9.66 10.74
C ALA A 320 -5.76 8.25 10.87
N PHE A 321 -6.56 7.82 9.88
CA PHE A 321 -7.03 6.44 9.88
C PHE A 321 -5.87 5.48 9.75
N MET A 322 -4.85 5.84 8.96
CA MET A 322 -3.69 4.97 8.82
C MET A 322 -2.95 4.84 10.16
N GLY A 323 -2.86 5.93 10.91
CA GLY A 323 -2.25 5.85 12.24
C GLY A 323 -3.04 4.98 13.19
N ASP A 324 -4.37 5.15 13.22
CA ASP A 324 -5.20 4.28 14.04
C ASP A 324 -5.05 2.82 13.63
N PHE A 325 -5.03 2.56 12.32
CA PHE A 325 -4.88 1.22 11.80
C PHE A 325 -3.52 0.62 12.19
N SER A 326 -2.47 1.44 12.14
CA SER A 326 -1.15 0.96 12.54
C SER A 326 -1.11 0.62 14.02
N THR A 327 -1.75 1.44 14.86
CA THR A 327 -1.80 1.13 16.29
C THR A 327 -2.55 -0.18 16.54
N CYS A 328 -3.70 -0.35 15.88
CA CYS A 328 -4.47 -1.58 16.05
C CYS A 328 -3.67 -2.79 15.57
N THR A 329 -2.98 -2.64 14.42
CA THR A 329 -2.14 -3.71 13.91
C THR A 329 -1.04 -4.07 14.90
N GLY A 330 -0.41 -3.06 15.50
CA GLY A 330 0.64 -3.31 16.48
C GLY A 330 0.11 -4.05 17.69
N VAL A 331 -1.04 -3.64 18.21
CA VAL A 331 -1.61 -4.30 19.39
C VAL A 331 -1.95 -5.75 19.06
N ALA A 332 -2.63 -5.97 17.93
CA ALA A 332 -3.03 -7.33 17.56
C ALA A 332 -1.81 -8.21 17.31
N THR A 333 -0.78 -7.68 16.65
CA THR A 333 0.41 -8.47 16.38
C THR A 333 1.16 -8.77 17.66
N PHE A 334 1.18 -7.82 18.61
CA PHE A 334 1.82 -8.08 19.89
C PHE A 334 1.11 -9.24 20.60
N THR A 335 -0.22 -9.22 20.63
CA THR A 335 -0.96 -10.30 21.26
C THR A 335 -0.70 -11.64 20.55
N MET A 336 -0.68 -11.62 19.21
CA MET A 336 -0.46 -12.86 18.46
C MET A 336 0.96 -13.39 18.67
N MET A 337 1.96 -12.52 18.72
CA MET A 337 3.31 -12.96 19.06
C MET A 337 3.37 -13.53 20.47
N LEU A 338 2.57 -13.00 21.39
CA LEU A 338 2.56 -13.55 22.75
C LEU A 338 1.96 -14.95 22.77
N LEU A 339 0.88 -15.19 22.03
CA LEU A 339 0.23 -16.49 22.03
C LEU A 339 0.77 -17.45 20.96
N SER A 340 1.76 -17.01 20.18
CA SER A 340 2.35 -17.86 19.14
C SER A 340 3.03 -19.08 19.73
N GLN A 341 3.81 -18.90 20.80
CA GLN A 341 4.41 -20.06 21.46
C GLN A 341 3.52 -20.59 22.58
N TYR A 342 2.26 -20.70 22.27
CA TYR A 342 1.28 -21.60 22.84
C TYR A 342 0.52 -22.31 21.74
N VAL A 343 0.20 -21.60 20.65
CA VAL A 343 -0.38 -22.24 19.47
C VAL A 343 0.59 -23.28 18.92
N PHE A 344 1.86 -22.90 18.76
CA PHE A 344 2.86 -23.83 18.26
C PHE A 344 2.96 -25.06 19.14
N ASN A 345 3.34 -24.87 20.41
CA ASN A 345 3.58 -26.00 21.31
C ASN A 345 2.37 -26.90 21.41
N LYS A 346 1.15 -26.34 21.35
CA LYS A 346 -0.02 -27.19 21.49
C LYS A 346 -0.31 -27.95 20.20
N TYR A 347 -0.40 -27.25 19.06
CA TYR A 347 -0.95 -27.86 17.86
C TYR A 347 0.11 -28.37 16.89
N GLY A 348 1.19 -27.62 16.67
CA GLY A 348 2.20 -28.08 15.73
C GLY A 348 2.52 -27.10 14.62
N TRP A 349 3.68 -27.30 13.99
CA TRP A 349 4.06 -26.49 12.84
C TRP A 349 3.05 -26.60 11.72
N GLY A 350 2.51 -27.81 11.49
CA GLY A 350 1.54 -27.99 10.43
C GLY A 350 0.28 -27.19 10.64
N VAL A 351 -0.22 -27.16 11.88
CA VAL A 351 -1.41 -26.36 12.18
C VAL A 351 -1.09 -24.87 12.12
N ALA A 352 0.08 -24.48 12.63
CA ALA A 352 0.43 -23.06 12.64
C ALA A 352 0.63 -22.51 11.23
N ALA A 353 1.11 -23.34 10.31
CA ALA A 353 1.32 -22.91 8.93
C ALA A 353 0.03 -22.77 8.14
N LYS A 354 -1.10 -23.22 8.70
CA LYS A 354 -2.38 -23.16 8.00
C LYS A 354 -3.24 -21.97 8.38
N ILE A 355 -3.04 -21.40 9.57
CA ILE A 355 -3.93 -20.33 10.05
C ILE A 355 -3.77 -19.09 9.18
N THR A 356 -2.54 -18.68 8.88
CA THR A 356 -2.34 -17.50 8.04
C THR A 356 -3.01 -17.66 6.68
N PRO A 357 -2.84 -18.76 5.94
CA PRO A 357 -3.68 -18.94 4.75
C PRO A 357 -5.16 -18.90 5.06
N THR A 358 -5.57 -19.54 6.16
CA THR A 358 -6.98 -19.62 6.48
C THR A 358 -7.55 -18.27 6.91
N VAL A 359 -6.82 -17.54 7.77
CA VAL A 359 -7.32 -16.23 8.19
C VAL A 359 -7.38 -15.30 7.00
N LEU A 360 -6.35 -15.33 6.14
CA LEU A 360 -6.35 -14.46 4.97
C LEU A 360 -7.54 -14.80 4.07
N LEU A 361 -7.74 -16.08 3.77
CA LEU A 361 -8.86 -16.48 2.92
C LEU A 361 -10.20 -16.04 3.50
N LEU A 362 -10.45 -16.36 4.77
CA LEU A 362 -11.76 -16.11 5.36
C LEU A 362 -12.04 -14.61 5.47
N THR A 363 -11.07 -13.85 6.01
CA THR A 363 -11.27 -12.42 6.12
C THR A 363 -11.42 -11.76 4.74
N GLY A 364 -10.60 -12.19 3.76
CA GLY A 364 -10.69 -11.61 2.44
C GLY A 364 -12.00 -11.93 1.74
N VAL A 365 -12.50 -13.15 1.90
CA VAL A 365 -13.77 -13.49 1.25
C VAL A 365 -14.93 -12.80 1.95
N ALA A 366 -14.86 -12.64 3.27
CA ALA A 366 -15.89 -11.85 3.95
C ALA A 366 -15.88 -10.40 3.47
N PHE A 367 -14.69 -9.81 3.30
CA PHE A 367 -14.59 -8.44 2.82
C PHE A 367 -15.08 -8.32 1.38
N PHE A 368 -14.72 -9.29 0.53
CA PHE A 368 -15.16 -9.28 -0.86
C PHE A 368 -16.66 -9.53 -0.98
N SER A 369 -17.24 -10.33 -0.07
CA SER A 369 -18.67 -10.57 -0.08
C SER A 369 -19.46 -9.48 0.61
N LEU A 370 -18.80 -8.60 1.35
CA LEU A 370 -19.44 -7.36 1.79
C LEU A 370 -19.38 -6.28 0.71
N ILE A 371 -18.30 -6.23 -0.07
CA ILE A 371 -18.27 -5.32 -1.21
C ILE A 371 -19.25 -5.78 -2.29
N LEU A 372 -19.24 -7.06 -2.61
CA LEU A 372 -19.96 -7.62 -3.76
C LEU A 372 -21.42 -7.92 -3.42
N PHE A 373 -21.65 -8.81 -2.45
CA PHE A 373 -23.00 -9.12 -2.01
C PHE A 373 -23.40 -8.26 -0.81
N GLY A 374 -23.22 -6.95 -0.96
CA GLY A 374 -23.61 -6.02 0.08
C GLY A 374 -24.98 -5.44 -0.14
N GLY A 375 -25.51 -5.64 -1.34
CA GLY A 375 -26.81 -5.12 -1.71
C GLY A 375 -27.92 -5.73 -0.88
N PRO A 376 -28.21 -7.01 -1.09
CA PRO A 376 -29.27 -7.66 -0.30
C PRO A 376 -28.76 -8.19 1.04
N PHE A 377 -27.89 -7.43 1.70
CA PHE A 377 -27.61 -7.63 3.12
C PHE A 377 -27.15 -6.29 3.68
N ALA A 378 -28.10 -5.50 4.17
CA ALA A 378 -27.71 -4.31 4.92
C ALA A 378 -28.73 -3.88 5.99
N PRO A 379 -29.21 -4.77 6.87
CA PRO A 379 -29.80 -4.28 8.12
C PRO A 379 -28.74 -4.21 9.22
N LEU A 380 -27.72 -5.05 9.10
CA LEU A 380 -26.69 -5.13 10.12
C LEU A 380 -25.82 -3.88 10.12
N VAL A 381 -25.30 -3.50 8.95
CA VAL A 381 -24.50 -2.28 8.84
C VAL A 381 -25.34 -1.05 9.11
N ALA A 382 -26.65 -1.13 8.88
CA ALA A 382 -27.53 0.01 9.12
C ALA A 382 -27.75 0.24 10.61
N LYS A 383 -28.24 -0.78 11.32
CA LYS A 383 -28.50 -0.66 12.75
C LYS A 383 -27.23 -0.68 13.59
N LEU A 384 -26.09 -1.05 13.02
CA LEU A 384 -24.82 -1.01 13.74
C LEU A 384 -24.14 0.36 13.59
N GLY A 385 -24.87 1.37 13.12
CA GLY A 385 -24.37 2.72 13.06
C GLY A 385 -23.24 2.98 12.09
N MET A 386 -23.34 2.44 10.88
CA MET A 386 -22.34 2.65 9.85
C MET A 386 -23.00 2.76 8.48
N THR A 387 -22.25 3.32 7.54
CA THR A 387 -22.57 3.23 6.13
C THR A 387 -21.90 2.00 5.53
N PRO A 388 -22.41 1.51 4.39
CA PRO A 388 -21.74 0.36 3.75
C PRO A 388 -20.27 0.63 3.44
N LEU A 389 -19.92 1.87 3.08
CA LEU A 389 -18.53 2.21 2.82
C LEU A 389 -17.69 2.12 4.08
N LEU A 390 -18.18 2.67 5.19
CA LEU A 390 -17.45 2.58 6.45
C LEU A 390 -17.35 1.14 6.92
N ALA A 391 -18.42 0.35 6.72
CA ALA A 391 -18.38 -1.06 7.07
C ALA A 391 -17.33 -1.80 6.25
N ALA A 392 -17.24 -1.49 4.95
CA ALA A 392 -16.21 -2.10 4.12
C ALA A 392 -14.82 -1.69 4.59
N VAL A 393 -14.65 -0.41 4.95
CA VAL A 393 -13.37 0.06 5.46
C VAL A 393 -12.96 -0.72 6.71
N TYR A 394 -13.90 -0.87 7.64
CA TYR A 394 -13.57 -1.56 8.90
C TYR A 394 -13.32 -3.05 8.68
N VAL A 395 -14.11 -3.68 7.82
CA VAL A 395 -13.91 -5.11 7.56
C VAL A 395 -12.58 -5.35 6.86
N GLY A 396 -12.22 -4.50 5.90
CA GLY A 396 -10.91 -4.63 5.27
C GLY A 396 -9.77 -4.34 6.22
N ALA A 397 -9.97 -3.39 7.14
CA ALA A 397 -8.97 -3.12 8.15
C ALA A 397 -8.75 -4.32 9.04
N LEU A 398 -9.84 -4.98 9.47
CA LEU A 398 -9.72 -6.19 10.26
C LEU A 398 -9.06 -7.31 9.45
N GLN A 399 -9.40 -7.41 8.17
CA GLN A 399 -8.75 -8.36 7.28
C GLN A 399 -7.23 -8.17 7.28
N ASN A 400 -6.79 -6.95 7.03
CA ASN A 400 -5.36 -6.68 6.95
C ASN A 400 -4.68 -6.87 8.30
N ILE A 401 -5.34 -6.43 9.38
CA ILE A 401 -4.77 -6.57 10.72
C ILE A 401 -4.57 -8.05 11.06
N PHE A 402 -5.61 -8.86 10.87
CA PHE A 402 -5.49 -10.28 11.19
C PHE A 402 -4.48 -10.96 10.28
N SER A 403 -4.46 -10.62 8.99
CA SER A 403 -3.52 -11.24 8.07
C SER A 403 -2.08 -10.94 8.46
N LYS A 404 -1.78 -9.70 8.81
CA LYS A 404 -0.39 -9.35 9.13
C LYS A 404 0.01 -9.83 10.53
N SER A 405 -0.91 -9.75 11.49
CA SER A 405 -0.64 -10.29 12.82
C SER A 405 -0.50 -11.80 12.81
N ALA A 406 -1.11 -12.48 11.83
CA ALA A 406 -0.80 -13.87 11.60
C ALA A 406 0.51 -14.04 10.87
N LYS A 407 0.82 -13.13 9.93
CA LYS A 407 2.07 -13.21 9.19
C LYS A 407 3.26 -13.24 10.15
N TYR A 408 3.47 -12.15 10.88
CA TYR A 408 4.64 -12.04 11.75
C TYR A 408 4.59 -12.92 12.99
N SER A 409 3.45 -13.55 13.31
CA SER A 409 3.38 -14.37 14.51
C SER A 409 3.29 -15.87 14.25
N LEU A 410 2.86 -16.29 13.07
CA LEU A 410 2.73 -17.69 12.72
C LEU A 410 3.42 -18.04 11.41
N PHE A 411 3.39 -17.15 10.42
CA PHE A 411 3.95 -17.46 9.11
C PHE A 411 5.47 -17.34 9.13
N ASP A 412 5.99 -16.20 9.59
CA ASP A 412 7.41 -15.98 9.71
C ASP A 412 8.03 -16.95 10.71
N PRO A 413 7.43 -17.19 11.88
CA PRO A 413 7.95 -18.27 12.74
C PRO A 413 7.98 -19.62 12.03
N CYS A 414 6.94 -19.95 11.26
CA CYS A 414 6.97 -21.21 10.50
C CYS A 414 8.08 -21.20 9.47
N LYS A 415 8.28 -20.06 8.81
CA LYS A 415 9.31 -19.98 7.77
C LYS A 415 10.71 -20.18 8.35
N GLU A 416 11.03 -19.45 9.41
CA GLU A 416 12.35 -19.56 10.04
C GLU A 416 12.38 -20.67 11.10
N MET A 417 11.36 -21.52 11.11
CA MET A 417 11.43 -22.81 11.78
C MET A 417 11.61 -23.97 10.83
N ALA A 418 11.13 -23.86 9.58
CA ALA A 418 11.31 -24.92 8.60
C ALA A 418 12.75 -24.99 8.08
N TYR A 419 13.54 -23.93 8.27
CA TYR A 419 14.93 -23.97 7.81
C TYR A 419 15.78 -24.92 8.65
N ILE A 420 15.38 -25.16 9.91
CA ILE A 420 16.27 -25.85 10.86
C ILE A 420 16.68 -27.24 10.37
N PRO A 421 15.79 -28.12 9.92
CA PRO A 421 16.22 -29.47 9.52
C PRO A 421 17.03 -29.52 8.24
N LEU A 422 17.35 -28.38 7.62
CA LEU A 422 18.12 -28.37 6.39
C LEU A 422 19.61 -28.26 6.69
N ASP A 423 20.42 -28.75 5.76
CA ASP A 423 21.87 -28.65 5.89
C ASP A 423 22.30 -27.19 5.74
N GLU A 424 23.33 -26.80 6.50
CA GLU A 424 23.72 -25.39 6.58
C GLU A 424 24.40 -24.86 5.32
N ASP A 425 24.42 -25.60 4.21
CA ASP A 425 24.76 -25.05 2.91
C ASP A 425 23.50 -24.78 2.08
N THR A 426 22.65 -25.81 1.92
CA THR A 426 21.36 -25.60 1.30
C THR A 426 20.54 -24.58 2.07
N LYS A 427 20.59 -24.64 3.40
CA LYS A 427 19.86 -23.66 4.21
C LYS A 427 20.37 -22.24 3.96
N VAL A 428 21.70 -22.05 4.01
CA VAL A 428 22.23 -20.69 3.93
C VAL A 428 21.99 -20.11 2.54
N LYS A 429 22.07 -20.93 1.49
CA LYS A 429 21.80 -20.38 0.16
C LYS A 429 20.31 -20.18 -0.08
N GLY A 430 19.48 -21.14 0.35
CA GLY A 430 18.05 -21.03 0.10
C GLY A 430 17.39 -19.91 0.88
N LYS A 431 17.81 -19.70 2.13
CA LYS A 431 17.22 -18.63 2.94
C LYS A 431 17.52 -17.27 2.32
N ALA A 432 18.73 -17.09 1.80
CA ALA A 432 19.06 -15.86 1.09
C ALA A 432 18.26 -15.75 -0.21
N ALA A 433 18.02 -16.88 -0.87
CA ALA A 433 17.27 -16.85 -2.12
C ALA A 433 15.79 -16.56 -1.90
N ILE A 434 15.24 -16.93 -0.73
CA ILE A 434 13.81 -16.73 -0.50
C ILE A 434 13.47 -15.26 -0.37
N ASP A 435 14.16 -14.53 0.50
CA ASP A 435 13.72 -13.19 0.84
C ASP A 435 13.67 -12.28 -0.38
N VAL A 436 14.86 -11.96 -0.93
CA VAL A 436 14.99 -10.93 -1.94
C VAL A 436 14.31 -11.30 -3.25
N VAL A 437 14.01 -12.58 -3.46
CA VAL A 437 13.30 -12.99 -4.67
C VAL A 437 11.81 -13.03 -4.39
N CYS A 438 11.39 -13.92 -3.49
CA CYS A 438 9.98 -14.21 -3.31
C CYS A 438 9.20 -13.00 -2.80
N ASN A 439 9.75 -12.24 -1.84
CA ASN A 439 8.99 -11.11 -1.33
C ASN A 439 8.68 -10.10 -2.43
N PRO A 440 9.67 -9.56 -3.18
CA PRO A 440 9.31 -8.72 -4.33
C PRO A 440 8.52 -9.47 -5.39
N LEU A 441 8.84 -10.75 -5.63
CA LEU A 441 8.13 -11.50 -6.67
C LEU A 441 6.66 -11.66 -6.32
N GLY A 442 6.36 -12.04 -5.08
CA GLY A 442 4.97 -12.15 -4.67
C GLY A 442 4.25 -10.82 -4.67
N LYS A 443 4.89 -9.79 -4.09
CA LYS A 443 4.25 -8.49 -4.02
C LYS A 443 4.05 -7.86 -5.39
N SER A 444 4.82 -8.29 -6.40
CA SER A 444 4.66 -7.77 -7.75
C SER A 444 3.72 -8.62 -8.61
N GLY A 445 3.69 -9.93 -8.39
CA GLY A 445 2.71 -10.76 -9.10
C GLY A 445 1.29 -10.48 -8.65
N GLY A 446 1.09 -10.30 -7.35
CA GLY A 446 -0.23 -9.93 -6.86
C GLY A 446 -0.72 -8.61 -7.40
N ALA A 447 0.20 -7.75 -7.85
CA ALA A 447 -0.17 -6.48 -8.47
C ALA A 447 -0.29 -6.57 -9.98
N LEU A 448 0.51 -7.45 -10.62
CA LEU A 448 0.34 -7.68 -12.05
C LEU A 448 -1.01 -8.28 -12.35
N ILE A 449 -1.48 -9.19 -11.49
CA ILE A 449 -2.82 -9.74 -11.63
C ILE A 449 -3.84 -8.60 -11.63
N GLN A 450 -3.70 -7.66 -10.70
CA GLN A 450 -4.66 -6.56 -10.61
C GLN A 450 -4.51 -5.57 -11.75
N GLN A 451 -3.30 -5.42 -12.30
CA GLN A 451 -3.14 -4.61 -13.51
C GLN A 451 -3.93 -5.20 -14.66
N PHE A 452 -3.83 -6.51 -14.85
CA PHE A 452 -4.61 -7.16 -15.91
C PHE A 452 -6.10 -7.02 -15.63
N MET A 453 -6.51 -7.19 -14.36
CA MET A 453 -7.90 -6.97 -13.97
C MET A 453 -8.37 -5.57 -14.36
N ILE A 454 -7.61 -4.54 -13.99
CA ILE A 454 -8.03 -3.17 -14.22
C ILE A 454 -8.10 -2.87 -15.71
N LEU A 455 -7.08 -3.28 -16.47
CA LEU A 455 -7.07 -2.98 -17.90
C LEU A 455 -7.99 -3.87 -18.71
N SER A 456 -8.56 -4.93 -18.12
CA SER A 456 -9.53 -5.75 -18.83
C SER A 456 -10.97 -5.42 -18.46
N PHE A 457 -11.27 -5.24 -17.17
CA PHE A 457 -12.63 -4.96 -16.71
C PHE A 457 -12.86 -3.50 -16.36
N GLY A 458 -11.89 -2.63 -16.64
CA GLY A 458 -12.08 -1.21 -16.44
C GLY A 458 -11.63 -0.69 -15.09
N SER A 459 -12.28 -1.14 -14.02
CA SER A 459 -12.02 -0.62 -12.69
C SER A 459 -11.71 -1.77 -11.74
N LEU A 460 -11.19 -1.41 -10.57
CA LEU A 460 -10.92 -2.40 -9.53
C LEU A 460 -12.20 -2.94 -8.91
N ALA A 461 -13.29 -2.17 -8.95
CA ALA A 461 -14.57 -2.65 -8.43
C ALA A 461 -15.23 -3.64 -9.37
N ASN A 462 -15.06 -3.46 -10.69
CA ASN A 462 -15.54 -4.46 -11.64
C ASN A 462 -14.74 -5.76 -11.57
N SER A 463 -13.58 -5.73 -10.92
CA SER A 463 -12.71 -6.90 -10.79
C SER A 463 -12.96 -7.68 -9.51
N THR A 464 -13.90 -7.24 -8.67
CA THR A 464 -14.11 -7.88 -7.36
C THR A 464 -14.49 -9.35 -7.47
N PRO A 465 -15.44 -9.76 -8.32
CA PRO A 465 -15.76 -11.21 -8.36
C PRO A 465 -14.56 -12.08 -8.71
N TYR A 466 -13.71 -11.63 -9.64
CA TYR A 466 -12.53 -12.41 -9.97
C TYR A 466 -11.45 -12.30 -8.90
N LEU A 467 -11.21 -11.10 -8.36
CA LEU A 467 -10.21 -10.93 -7.31
C LEU A 467 -10.47 -11.89 -6.15
N GLY A 468 -11.74 -12.17 -5.87
CA GLY A 468 -12.06 -13.20 -4.90
C GLY A 468 -11.78 -14.60 -5.39
N MET A 469 -11.84 -14.83 -6.70
CA MET A 469 -11.64 -16.17 -7.24
C MET A 469 -10.17 -16.53 -7.41
N ILE A 470 -9.33 -15.58 -7.84
CA ILE A 470 -7.89 -15.82 -7.78
C ILE A 470 -7.46 -15.98 -6.32
N LEU A 471 -8.18 -15.36 -5.38
CA LEU A 471 -7.85 -15.53 -3.97
C LEU A 471 -7.97 -16.99 -3.55
N LEU A 472 -9.03 -17.67 -3.98
CA LEU A 472 -9.16 -19.09 -3.68
C LEU A 472 -8.04 -19.89 -4.34
N VAL A 473 -7.72 -19.58 -5.59
CA VAL A 473 -6.70 -20.35 -6.32
C VAL A 473 -5.34 -20.19 -5.66
N ILE A 474 -4.96 -18.96 -5.34
CA ILE A 474 -3.66 -18.74 -4.71
C ILE A 474 -3.60 -19.39 -3.33
N VAL A 475 -4.68 -19.26 -2.55
CA VAL A 475 -4.69 -19.85 -1.21
C VAL A 475 -4.74 -21.37 -1.29
N THR A 476 -5.49 -21.91 -2.25
CA THR A 476 -5.56 -23.36 -2.41
C THR A 476 -4.17 -23.94 -2.71
N ALA A 477 -3.43 -23.31 -3.63
CA ALA A 477 -2.04 -23.69 -3.83
C ALA A 477 -1.17 -23.31 -2.63
N TRP A 478 -1.60 -22.33 -1.84
CA TRP A 478 -0.88 -21.98 -0.62
C TRP A 478 -1.12 -23.01 0.47
N LEU A 479 -2.36 -23.47 0.61
CA LEU A 479 -2.66 -24.54 1.57
C LEU A 479 -2.05 -25.86 1.12
N ALA A 480 -2.21 -26.21 -0.16
CA ALA A 480 -1.54 -27.40 -0.67
C ALA A 480 -0.11 -27.11 -1.11
N ALA A 481 0.61 -26.39 -0.25
CA ALA A 481 2.06 -26.31 -0.28
C ALA A 481 2.67 -26.40 1.10
N ALA A 482 1.93 -26.04 2.15
CA ALA A 482 2.36 -26.30 3.52
C ALA A 482 2.15 -27.77 3.88
N LYS A 483 1.06 -28.37 3.40
CA LYS A 483 0.89 -29.81 3.58
C LYS A 483 1.96 -30.58 2.83
N SER A 484 2.34 -30.10 1.64
CA SER A 484 3.50 -30.65 0.95
C SER A 484 4.78 -30.39 1.71
N LEU A 485 4.79 -29.40 2.60
CA LEU A 485 5.93 -29.13 3.47
C LEU A 485 5.75 -29.72 4.87
N GLU A 486 4.51 -29.83 5.34
CA GLU A 486 4.20 -30.61 6.54
C GLU A 486 4.16 -32.07 6.14
N GLY A 487 5.32 -32.72 6.19
CA GLY A 487 5.50 -34.04 5.63
C GLY A 487 6.89 -34.13 5.06
N GLN A 488 7.47 -32.96 4.77
CA GLN A 488 8.90 -32.82 4.54
C GLN A 488 9.60 -32.20 5.73
N PHE A 489 8.94 -31.26 6.41
CA PHE A 489 9.43 -30.80 7.72
C PHE A 489 9.38 -31.92 8.74
N ASN A 490 8.26 -32.66 8.77
CA ASN A 490 8.13 -33.77 9.71
C ASN A 490 9.11 -34.90 9.37
N SER A 491 9.34 -35.13 8.07
CA SER A 491 10.25 -36.20 7.67
C SER A 491 11.67 -35.93 8.14
N LEU A 492 12.18 -34.73 7.90
CA LEU A 492 13.56 -34.43 8.25
C LEU A 492 13.75 -34.21 9.74
N ARG A 493 12.72 -33.72 10.44
CA ARG A 493 12.84 -33.45 11.87
C ARG A 493 12.62 -34.69 12.73
N SER A 494 12.11 -35.78 12.18
CA SER A 494 11.86 -36.99 12.94
C SER A 494 12.90 -38.07 12.69
N GLU A 495 13.39 -38.19 11.46
CA GLU A 495 14.38 -39.22 11.15
C GLU A 495 15.70 -38.96 11.86
N GLU A 496 16.08 -37.70 12.02
CA GLU A 496 17.35 -37.37 12.67
C GLU A 496 17.34 -37.67 14.15
N GLU A 497 16.15 -37.81 14.75
CA GLU A 497 16.04 -38.10 16.18
C GLU A 497 16.64 -39.45 16.53
N GLU B 1 -31.93 -0.63 -17.63
CA GLU B 1 -31.19 -0.05 -18.73
C GLU B 1 -30.71 1.36 -18.35
N VAL B 2 -29.58 1.78 -18.91
CA VAL B 2 -29.00 3.06 -18.58
C VAL B 2 -29.91 4.19 -19.04
N GLN B 3 -30.18 5.14 -18.15
CA GLN B 3 -31.03 6.29 -18.45
C GLN B 3 -30.48 7.51 -17.73
N LEU B 4 -30.33 8.61 -18.45
CA LEU B 4 -29.86 9.87 -17.89
C LEU B 4 -30.93 10.92 -18.11
N VAL B 5 -31.44 11.49 -17.02
CA VAL B 5 -32.49 12.51 -17.04
C VAL B 5 -31.93 13.77 -16.40
N GLU B 6 -31.80 14.83 -17.17
CA GLU B 6 -31.31 16.10 -16.68
C GLU B 6 -32.46 16.98 -16.20
N SER B 7 -32.15 17.85 -15.25
CA SER B 7 -33.10 18.83 -14.74
C SER B 7 -32.31 20.02 -14.20
N GLY B 8 -33.03 20.98 -13.63
CA GLY B 8 -32.41 22.15 -13.04
C GLY B 8 -32.10 23.27 -14.00
N GLY B 9 -32.37 23.11 -15.28
CA GLY B 9 -32.15 24.19 -16.23
C GLY B 9 -33.20 25.28 -16.09
N GLY B 10 -32.92 26.42 -16.71
CA GLY B 10 -33.85 27.52 -16.66
C GLY B 10 -33.19 28.81 -17.12
N LEU B 11 -33.94 29.90 -16.95
CA LEU B 11 -33.50 31.24 -17.34
C LEU B 11 -32.99 31.98 -16.11
N VAL B 12 -31.73 32.42 -16.16
CA VAL B 12 -31.12 33.19 -15.09
C VAL B 12 -30.42 34.40 -15.69
N GLN B 13 -30.20 35.41 -14.86
CA GLN B 13 -29.53 36.61 -15.31
C GLN B 13 -28.02 36.41 -15.35
N ALA B 14 -27.33 37.31 -16.05
CA ALA B 14 -25.89 37.25 -16.14
C ALA B 14 -25.25 37.42 -14.76
N GLY B 15 -24.28 36.57 -14.46
CA GLY B 15 -23.66 36.56 -13.16
C GLY B 15 -24.38 35.74 -12.11
N GLY B 16 -25.53 35.14 -12.47
CA GLY B 16 -26.27 34.32 -11.53
C GLY B 16 -25.67 32.94 -11.39
N SER B 17 -26.39 32.08 -10.68
CA SER B 17 -25.95 30.72 -10.42
C SER B 17 -27.06 29.75 -10.78
N LEU B 18 -26.66 28.53 -11.15
CA LEU B 18 -27.63 27.50 -11.51
C LEU B 18 -27.02 26.14 -11.24
N ARG B 19 -27.87 25.19 -10.83
CA ARG B 19 -27.42 23.84 -10.49
C ARG B 19 -28.22 22.84 -11.32
N LEU B 20 -27.52 22.09 -12.17
CA LEU B 20 -28.15 21.06 -12.98
C LEU B 20 -27.99 19.69 -12.32
N SER B 21 -29.07 18.95 -12.24
CA SER B 21 -29.07 17.58 -11.74
C SER B 21 -29.20 16.60 -12.89
N CYS B 22 -28.70 15.40 -12.68
CA CYS B 22 -28.74 14.32 -13.68
C CYS B 22 -29.01 13.02 -12.93
N ALA B 23 -30.30 12.66 -12.84
CA ALA B 23 -30.70 11.44 -12.14
C ALA B 23 -30.37 10.23 -13.01
N ALA B 24 -29.34 9.49 -12.63
CA ALA B 24 -28.91 8.32 -13.37
C ALA B 24 -29.67 7.09 -12.89
N SER B 25 -30.11 6.28 -13.85
CA SER B 25 -30.84 5.05 -13.57
C SER B 25 -30.24 3.92 -14.39
N GLY B 26 -29.94 2.80 -13.73
CA GLY B 26 -29.38 1.65 -14.38
C GLY B 26 -27.89 1.44 -14.20
N PHE B 27 -27.21 2.31 -13.45
CA PHE B 27 -25.79 2.16 -13.18
C PHE B 27 -25.42 3.04 -12.00
N PRO B 28 -24.45 2.63 -11.18
CA PRO B 28 -24.02 3.47 -10.05
C PRO B 28 -23.14 4.62 -10.54
N VAL B 29 -23.44 5.83 -10.06
CA VAL B 29 -22.66 7.01 -10.45
C VAL B 29 -21.25 6.98 -9.88
N ASP B 30 -21.03 6.23 -8.79
CA ASP B 30 -19.71 6.23 -8.15
C ASP B 30 -18.68 5.47 -8.96
N GLU B 31 -19.09 4.48 -9.75
CA GLU B 31 -18.16 3.71 -10.56
C GLU B 31 -18.20 4.10 -12.03
N ALA B 32 -18.78 5.25 -12.36
CA ALA B 32 -18.93 5.69 -13.73
C ALA B 32 -18.09 6.93 -14.00
N TYR B 33 -17.71 7.10 -15.26
CA TYR B 33 -17.05 8.30 -15.76
C TYR B 33 -18.11 9.14 -16.44
N MET B 34 -18.56 10.19 -15.76
CA MET B 34 -19.67 11.00 -16.22
C MET B 34 -19.20 12.40 -16.59
N THR B 35 -19.78 12.94 -17.66
CA THR B 35 -19.35 14.20 -18.25
C THR B 35 -20.56 15.09 -18.50
N TRP B 36 -20.30 16.40 -18.54
CA TRP B 36 -21.30 17.39 -18.91
C TRP B 36 -20.91 18.05 -20.22
N TYR B 37 -21.84 18.08 -21.17
CA TYR B 37 -21.66 18.77 -22.44
C TYR B 37 -22.64 19.93 -22.54
N ARG B 38 -22.40 20.79 -23.52
CA ARG B 38 -23.36 21.84 -23.87
C ARG B 38 -23.27 22.09 -25.37
N GLN B 39 -24.39 22.52 -25.96
CA GLN B 39 -24.47 22.77 -27.39
C GLN B 39 -25.37 23.97 -27.62
N ALA B 40 -24.78 25.09 -28.03
CA ALA B 40 -25.60 26.20 -28.47
C ALA B 40 -25.97 26.03 -29.93
N PRO B 41 -27.13 26.54 -30.35
CA PRO B 41 -27.51 26.45 -31.77
C PRO B 41 -26.47 27.15 -32.64
N GLY B 42 -26.09 26.48 -33.73
CA GLY B 42 -25.09 27.01 -34.64
C GLY B 42 -23.71 26.42 -34.42
N LYS B 43 -23.35 26.16 -33.16
CA LYS B 43 -22.05 25.62 -32.81
C LYS B 43 -22.16 24.13 -32.51
N GLU B 44 -21.01 23.45 -32.56
CA GLU B 44 -20.95 22.03 -32.26
C GLU B 44 -20.97 21.80 -30.75
N ARG B 45 -21.31 20.58 -30.36
CA ARG B 45 -21.38 20.23 -28.95
C ARG B 45 -20.01 20.35 -28.30
N GLU B 46 -19.96 20.96 -27.12
CA GLU B 46 -18.72 21.28 -26.43
C GLU B 46 -18.71 20.59 -25.08
N TRP B 47 -17.61 19.88 -24.79
CA TRP B 47 -17.46 19.23 -23.49
C TRP B 47 -17.19 20.28 -22.43
N VAL B 48 -17.90 20.20 -21.31
CA VAL B 48 -17.84 21.20 -20.25
C VAL B 48 -17.05 20.68 -19.05
N ALA B 49 -17.53 19.61 -18.41
CA ALA B 49 -16.90 19.08 -17.21
C ALA B 49 -17.00 17.57 -17.24
N ALA B 50 -16.07 16.92 -16.53
CA ALA B 50 -16.02 15.46 -16.46
C ALA B 50 -15.66 15.04 -15.04
N ILE B 51 -16.41 14.07 -14.52
CA ILE B 51 -16.11 13.48 -13.22
C ILE B 51 -15.77 12.01 -13.44
N TYR B 52 -14.84 11.50 -12.64
CA TYR B 52 -14.37 10.14 -12.73
C TYR B 52 -14.87 9.33 -11.52
N SER B 53 -14.74 8.00 -11.64
CA SER B 53 -15.13 7.13 -10.53
C SER B 53 -14.29 7.39 -9.29
N SER B 54 -13.08 7.89 -9.47
CA SER B 54 -12.20 8.26 -8.36
C SER B 54 -12.60 9.56 -7.69
N GLY B 55 -13.61 10.25 -8.21
CA GLY B 55 -13.94 11.58 -7.76
C GLY B 55 -13.13 12.68 -8.42
N TYR B 56 -12.18 12.33 -9.28
CA TYR B 56 -11.40 13.33 -9.98
C TYR B 56 -12.28 14.10 -10.96
N THR B 57 -12.08 15.41 -11.01
CA THR B 57 -12.90 16.31 -11.80
C THR B 57 -12.04 17.08 -12.79
N ARG B 58 -12.54 17.21 -14.01
CA ARG B 58 -11.92 18.03 -15.05
C ARG B 58 -12.93 19.05 -15.56
N TYR B 59 -12.41 20.19 -16.00
CA TYR B 59 -13.27 21.26 -16.51
C TYR B 59 -12.63 21.85 -17.76
N ALA B 60 -13.47 22.32 -18.67
CA ALA B 60 -12.98 23.04 -19.82
C ALA B 60 -12.47 24.41 -19.41
N ASP B 61 -11.55 24.95 -20.21
CA ASP B 61 -10.97 26.26 -19.89
C ASP B 61 -12.04 27.35 -19.84
N SER B 62 -13.15 27.17 -20.57
CA SER B 62 -14.20 28.17 -20.59
C SER B 62 -15.00 28.21 -19.29
N VAL B 63 -14.95 27.15 -18.49
CA VAL B 63 -15.81 27.05 -17.31
C VAL B 63 -15.01 26.76 -16.04
N LYS B 64 -13.68 26.78 -16.14
CA LYS B 64 -12.87 26.54 -14.96
C LYS B 64 -13.09 27.62 -13.91
N GLY B 65 -13.24 27.18 -12.66
CA GLY B 65 -13.49 28.07 -11.54
C GLY B 65 -14.95 28.42 -11.34
N ARG B 66 -15.69 28.56 -12.43
CA ARG B 66 -17.10 28.90 -12.38
C ARG B 66 -17.99 27.68 -12.23
N PHE B 67 -17.67 26.59 -12.92
CA PHE B 67 -18.47 25.38 -12.89
C PHE B 67 -17.84 24.36 -11.96
N THR B 68 -18.69 23.54 -11.33
CA THR B 68 -18.24 22.51 -10.42
C THR B 68 -19.10 21.27 -10.61
N ILE B 69 -18.47 20.15 -10.95
CA ILE B 69 -19.17 18.88 -11.14
C ILE B 69 -19.00 18.03 -9.89
N SER B 70 -20.10 17.43 -9.43
CA SER B 70 -20.09 16.61 -8.24
C SER B 70 -21.26 15.64 -8.33
N ARG B 71 -21.18 14.56 -7.56
CA ARG B 71 -22.20 13.52 -7.58
C ARG B 71 -22.63 13.18 -6.15
N ASP B 72 -23.89 12.79 -6.00
CA ASP B 72 -24.42 12.31 -4.74
C ASP B 72 -24.67 10.81 -4.89
N ASN B 73 -23.94 10.02 -4.08
CA ASN B 73 -23.99 8.57 -4.23
C ASN B 73 -25.29 8.00 -3.70
N SER B 74 -25.90 8.66 -2.71
CA SER B 74 -27.16 8.19 -2.16
C SER B 74 -28.29 8.29 -3.18
N LYS B 75 -28.44 9.46 -3.81
CA LYS B 75 -29.49 9.69 -4.77
C LYS B 75 -29.11 9.29 -6.20
N ASN B 76 -27.87 8.83 -6.41
CA ASN B 76 -27.39 8.41 -7.73
C ASN B 76 -27.55 9.53 -8.75
N THR B 77 -27.08 10.71 -8.38
CA THR B 77 -27.23 11.90 -9.22
C THR B 77 -25.91 12.68 -9.25
N VAL B 78 -25.50 13.08 -10.44
CA VAL B 78 -24.36 13.98 -10.60
C VAL B 78 -24.91 15.40 -10.69
N TYR B 79 -24.11 16.38 -10.25
CA TYR B 79 -24.53 17.76 -10.25
C TYR B 79 -23.54 18.60 -11.04
N LEU B 80 -24.05 19.69 -11.63
CA LEU B 80 -23.22 20.68 -12.31
C LEU B 80 -23.57 22.04 -11.72
N GLN B 81 -22.79 22.48 -10.74
CA GLN B 81 -23.02 23.77 -10.11
C GLN B 81 -22.42 24.86 -11.00
N MET B 82 -23.29 25.61 -11.68
CA MET B 82 -22.88 26.66 -12.59
C MET B 82 -22.96 28.00 -11.85
N ASN B 83 -21.81 28.62 -11.64
CA ASN B 83 -21.72 29.88 -10.93
C ASN B 83 -21.14 30.95 -11.84
N SER B 84 -21.47 32.22 -11.56
CA SER B 84 -21.02 33.36 -12.34
C SER B 84 -21.35 33.16 -13.83
N LEU B 85 -22.61 32.85 -14.09
CA LEU B 85 -23.04 32.50 -15.44
C LEU B 85 -23.00 33.70 -16.36
N LYS B 86 -22.36 33.52 -17.52
CA LYS B 86 -22.23 34.44 -18.63
C LYS B 86 -23.29 34.14 -19.68
N PRO B 87 -23.67 35.14 -20.49
CA PRO B 87 -24.56 34.85 -21.62
C PRO B 87 -23.97 33.86 -22.62
N GLU B 88 -22.63 33.75 -22.67
CA GLU B 88 -22.00 32.75 -23.52
C GLU B 88 -22.30 31.32 -23.07
N ASP B 89 -22.72 31.14 -21.82
CA ASP B 89 -23.07 29.82 -21.30
C ASP B 89 -24.45 29.36 -21.74
N THR B 90 -25.21 30.19 -22.45
CA THR B 90 -26.53 29.83 -22.92
C THR B 90 -26.43 28.70 -23.94
N ALA B 91 -26.89 27.52 -23.57
CA ALA B 91 -26.85 26.35 -24.44
C ALA B 91 -27.74 25.27 -23.81
N VAL B 92 -27.83 24.13 -24.49
CA VAL B 92 -28.50 22.95 -23.97
C VAL B 92 -27.44 22.04 -23.38
N TYR B 93 -27.52 21.79 -22.07
CA TYR B 93 -26.49 21.05 -21.36
C TYR B 93 -26.87 19.58 -21.27
N TYR B 94 -25.92 18.71 -21.62
CA TYR B 94 -26.17 17.27 -21.73
C TYR B 94 -25.37 16.52 -20.69
N CYS B 95 -26.02 15.56 -20.03
CA CYS B 95 -25.37 14.64 -19.12
C CYS B 95 -24.99 13.37 -19.89
N ASN B 96 -23.73 12.97 -19.79
CA ASN B 96 -23.23 11.85 -20.56
C ASN B 96 -22.41 10.92 -19.67
N VAL B 97 -22.64 9.62 -19.79
CA VAL B 97 -21.83 8.59 -19.16
C VAL B 97 -21.31 7.67 -20.26
N LYS B 98 -20.01 7.38 -20.23
CA LYS B 98 -19.42 6.57 -21.28
C LYS B 98 -18.14 5.94 -20.74
N ASP B 99 -17.71 4.88 -21.43
CA ASP B 99 -16.42 4.26 -21.20
C ASP B 99 -15.78 3.94 -22.54
N TYR B 100 -14.47 4.08 -22.62
CA TYR B 100 -13.77 3.86 -23.88
C TYR B 100 -12.31 3.55 -23.59
N VAL B 101 -11.69 2.83 -24.52
CA VAL B 101 -10.25 2.56 -24.50
C VAL B 101 -9.69 3.06 -25.81
N TYR B 102 -8.92 4.16 -25.74
CA TYR B 102 -8.45 4.89 -26.92
C TYR B 102 -9.67 5.29 -27.74
N ASN B 103 -9.82 4.81 -28.98
CA ASN B 103 -10.89 5.23 -29.85
C ASN B 103 -12.05 4.23 -29.93
N THR B 104 -11.98 3.14 -29.17
CA THR B 104 -13.07 2.17 -29.10
C THR B 104 -13.99 2.55 -27.95
N TYR B 105 -15.21 2.96 -28.27
CA TYR B 105 -16.17 3.40 -27.26
C TYR B 105 -17.05 2.21 -26.88
N LEU B 106 -16.89 1.73 -25.65
CA LEU B 106 -17.62 0.55 -25.21
C LEU B 106 -19.10 0.85 -25.03
N TYR B 107 -19.42 2.00 -24.46
CA TYR B 107 -20.80 2.47 -24.40
C TYR B 107 -20.80 3.99 -24.30
N ASP B 108 -21.91 4.60 -24.71
CA ASP B 108 -22.04 6.05 -24.73
C ASP B 108 -23.52 6.38 -24.57
N TYR B 109 -23.94 6.75 -23.37
CA TYR B 109 -25.32 7.06 -23.08
C TYR B 109 -25.46 8.55 -22.80
N TRP B 110 -26.39 9.19 -23.49
CA TRP B 110 -26.65 10.61 -23.36
C TRP B 110 -28.02 10.85 -22.72
N GLY B 111 -28.17 12.04 -22.15
CA GLY B 111 -29.46 12.51 -21.72
C GLY B 111 -30.13 13.37 -22.78
N GLN B 112 -31.40 13.68 -22.55
CA GLN B 112 -32.13 14.53 -23.48
C GLN B 112 -31.72 16.00 -23.39
N GLY B 113 -30.99 16.37 -22.35
CA GLY B 113 -30.51 17.73 -22.20
C GLY B 113 -31.51 18.64 -21.52
N THR B 114 -30.99 19.70 -20.92
CA THR B 114 -31.81 20.74 -20.30
C THR B 114 -31.36 22.10 -20.81
N GLN B 115 -32.32 22.95 -21.12
CA GLN B 115 -32.02 24.26 -21.69
C GLN B 115 -31.58 25.21 -20.59
N VAL B 116 -30.36 25.74 -20.73
CA VAL B 116 -29.84 26.76 -19.84
C VAL B 116 -29.64 28.02 -20.67
N THR B 117 -30.39 29.07 -20.36
CA THR B 117 -30.29 30.34 -21.06
C THR B 117 -30.02 31.44 -20.04
N VAL B 118 -29.01 32.26 -20.34
CA VAL B 118 -28.55 33.32 -19.46
C VAL B 118 -28.91 34.65 -20.09
N SER B 119 -29.82 35.38 -19.45
CA SER B 119 -30.28 36.66 -19.97
C SER B 119 -29.26 37.76 -19.66
N SER B 120 -29.52 38.95 -20.17
CA SER B 120 -28.63 40.09 -19.97
C SER B 120 -29.39 41.41 -20.11
#